data_3IPF
#
_entry.id   3IPF
#
_cell.length_a   69.796
_cell.length_b   69.796
_cell.length_c   132.161
_cell.angle_alpha   90.00
_cell.angle_beta   90.00
_cell.angle_gamma   120.00
#
_symmetry.space_group_name_H-M   'P 61 2 2'
#
loop_
_entity.id
_entity.type
_entity.pdbx_description
1 polymer 'uncharacterized protein'
2 water water
#
_entity_poly.entity_id   1
_entity_poly.type   'polypeptide(L)'
_entity_poly.pdbx_seq_one_letter_code
;MDNRQFLSLTGVSKVQSFDPKEILLETIQGVLSIKGEKLGIKHLDLKAGQVEVEGLIDALVYPLEHHHHHH
;
_entity_poly.pdbx_strand_id   A,B
#
# COMPACT_ATOMS: atom_id res chain seq x y z
N ASN A 3 10.48 -13.20 3.25
CA ASN A 3 9.03 -12.83 3.16
C ASN A 3 8.87 -11.34 3.41
N ARG A 4 10.01 -10.66 3.59
CA ARG A 4 10.06 -9.22 3.85
C ARG A 4 9.71 -8.42 2.60
N GLN A 5 8.74 -7.52 2.74
CA GLN A 5 8.30 -6.71 1.61
C GLN A 5 8.64 -5.23 1.78
N PHE A 6 8.78 -4.55 0.65
CA PHE A 6 9.06 -3.12 0.65
C PHE A 6 7.86 -2.43 -0.01
N LEU A 7 7.32 -1.43 0.66
CA LEU A 7 6.18 -0.69 0.14
C LEU A 7 6.49 0.80 0.15
N SER A 8 6.31 1.47 -0.98
CA SER A 8 6.52 2.91 -1.00
C SER A 8 5.26 3.55 -1.57
N LEU A 9 4.91 4.72 -1.06
CA LEU A 9 3.70 5.41 -1.49
C LEU A 9 3.95 6.90 -1.51
N THR A 10 3.32 7.61 -2.43
CA THR A 10 3.45 9.06 -2.47
C THR A 10 2.12 9.62 -2.02
N GLY A 11 2.02 10.93 -1.92
CA GLY A 11 0.79 11.55 -1.47
C GLY A 11 0.55 11.34 0.03
N VAL A 12 1.61 11.05 0.76
CA VAL A 12 1.49 10.87 2.20
C VAL A 12 1.81 12.18 2.90
N SER A 13 0.89 12.63 3.75
CA SER A 13 1.04 13.90 4.45
C SER A 13 1.46 13.80 5.91
N LYS A 14 1.28 12.64 6.53
CA LYS A 14 1.62 12.49 7.95
C LYS A 14 1.65 11.05 8.44
N VAL A 15 2.58 10.75 9.35
CA VAL A 15 2.63 9.43 9.98
C VAL A 15 1.85 9.67 11.27
N GLN A 16 0.72 8.99 11.40
CA GLN A 16 -0.13 9.16 12.56
C GLN A 16 0.46 8.42 13.76
N SER A 17 0.99 7.23 13.50
CA SER A 17 1.62 6.43 14.55
C SER A 17 2.41 5.29 13.92
N PHE A 18 3.41 4.82 14.66
CA PHE A 18 4.25 3.72 14.17
C PHE A 18 4.61 2.77 15.32
N ASP A 19 4.57 1.49 15.00
CA ASP A 19 4.92 0.40 15.92
C ASP A 19 5.36 -0.70 14.96
N PRO A 20 6.25 -1.60 15.39
CA PRO A 20 6.66 -2.66 14.45
C PRO A 20 5.50 -3.54 13.94
N LYS A 21 4.33 -3.43 14.57
CA LYS A 21 3.20 -4.26 14.15
C LYS A 21 2.08 -3.48 13.46
N GLU A 22 2.20 -2.16 13.43
CA GLU A 22 1.17 -1.33 12.81
C GLU A 22 1.67 0.08 12.46
N ILE A 23 1.40 0.52 11.24
CA ILE A 23 1.76 1.86 10.82
C ILE A 23 0.51 2.52 10.30
N LEU A 24 0.20 3.73 10.79
CA LEU A 24 -0.96 4.47 10.31
C LEU A 24 -0.44 5.71 9.61
N LEU A 25 -0.81 5.85 8.35
CA LEU A 25 -0.37 6.97 7.53
C LEU A 25 -1.54 7.75 7.01
N GLU A 26 -1.45 9.07 7.09
CA GLU A 26 -2.50 9.93 6.58
C GLU A 26 -2.17 10.25 5.13
N THR A 27 -3.13 10.00 4.25
CA THR A 27 -2.92 10.30 2.85
C THR A 27 -4.20 10.92 2.27
N ILE A 28 -4.32 10.97 0.94
CA ILE A 28 -5.44 11.62 0.27
C ILE A 28 -6.89 11.37 0.75
N GLN A 29 -7.30 10.11 0.84
CA GLN A 29 -8.69 9.77 1.21
C GLN A 29 -8.89 9.40 2.67
N GLY A 30 -7.85 9.58 3.48
CA GLY A 30 -7.95 9.20 4.87
C GLY A 30 -6.71 8.45 5.32
N VAL A 31 -6.90 7.51 6.24
CA VAL A 31 -5.78 6.77 6.78
C VAL A 31 -5.57 5.38 6.20
N LEU A 32 -4.31 5.08 5.92
CA LEU A 32 -3.89 3.78 5.43
C LEU A 32 -3.26 3.07 6.61
N SER A 33 -3.77 1.88 6.89
CA SER A 33 -3.25 1.06 7.98
C SER A 33 -2.42 -0.08 7.40
N ILE A 34 -1.20 -0.22 7.90
CA ILE A 34 -0.35 -1.32 7.46
C ILE A 34 -0.10 -2.13 8.71
N LYS A 35 -0.53 -3.38 8.72
CA LYS A 35 -0.34 -4.25 9.88
C LYS A 35 0.53 -5.44 9.51
N GLY A 36 1.28 -5.95 10.47
CA GLY A 36 2.16 -7.07 10.22
C GLY A 36 3.14 -7.19 11.36
N GLU A 37 4.39 -7.48 11.03
CA GLU A 37 5.39 -7.57 12.09
C GLU A 37 6.74 -7.16 11.55
N LYS A 38 7.61 -6.73 12.47
CA LYS A 38 8.93 -6.24 12.15
C LYS A 38 8.84 -5.19 11.06
N LEU A 39 7.83 -4.33 11.18
CA LEU A 39 7.65 -3.26 10.20
C LEU A 39 8.57 -2.11 10.60
N GLY A 40 9.01 -1.36 9.60
CA GLY A 40 9.88 -0.22 9.87
C GLY A 40 9.68 0.87 8.84
N ILE A 41 9.79 2.12 9.25
CA ILE A 41 9.69 3.21 8.30
C ILE A 41 11.14 3.44 7.90
N LYS A 42 11.42 3.32 6.60
CA LYS A 42 12.78 3.47 6.11
C LYS A 42 13.03 4.86 5.56
N HIS A 43 11.97 5.53 5.13
CA HIS A 43 12.11 6.87 4.56
C HIS A 43 10.81 7.66 4.66
N LEU A 44 10.92 8.94 5.02
CA LEU A 44 9.76 9.82 5.07
C LEU A 44 10.18 11.23 4.67
N ASP A 45 9.65 11.69 3.55
CA ASP A 45 9.96 13.03 3.06
C ASP A 45 8.64 13.74 2.79
N LEU A 46 8.22 14.59 3.73
CA LEU A 46 6.96 15.31 3.62
C LEU A 46 6.89 16.35 2.50
N LYS A 47 8.05 16.83 2.04
CA LYS A 47 8.06 17.80 0.93
C LYS A 47 7.62 17.04 -0.31
N ALA A 48 8.12 15.82 -0.44
CA ALA A 48 7.78 14.98 -1.58
C ALA A 48 6.52 14.14 -1.33
N GLY A 49 6.10 14.06 -0.08
CA GLY A 49 4.94 13.26 0.27
C GLY A 49 5.21 11.78 0.13
N GLN A 50 6.49 11.42 0.22
CA GLN A 50 6.95 10.06 0.03
C GLN A 50 7.27 9.27 1.32
N VAL A 51 6.79 8.03 1.39
CA VAL A 51 7.12 7.16 2.52
C VAL A 51 7.59 5.82 1.98
N GLU A 52 8.50 5.18 2.71
CA GLU A 52 8.98 3.87 2.35
C GLU A 52 8.88 3.03 3.62
N VAL A 53 8.22 1.90 3.51
CA VAL A 53 8.03 0.99 4.63
C VAL A 53 8.57 -0.38 4.28
N GLU A 54 9.06 -1.13 5.26
CA GLU A 54 9.54 -2.48 4.99
C GLU A 54 9.19 -3.38 6.15
N GLY A 55 8.97 -4.66 5.85
CA GLY A 55 8.68 -5.62 6.90
C GLY A 55 7.78 -6.74 6.43
N LEU A 56 7.18 -7.44 7.38
CA LEU A 56 6.28 -8.55 7.09
C LEU A 56 4.86 -7.98 7.14
N ILE A 57 4.23 -7.83 5.99
CA ILE A 57 2.90 -7.25 5.92
C ILE A 57 1.77 -8.29 5.96
N ASP A 58 0.89 -8.15 6.94
CA ASP A 58 -0.25 -9.05 7.13
C ASP A 58 -1.50 -8.45 6.52
N ALA A 59 -1.61 -7.12 6.56
CA ALA A 59 -2.81 -6.46 6.07
C ALA A 59 -2.63 -5.00 5.69
N LEU A 60 -3.47 -4.53 4.78
CA LEU A 60 -3.48 -3.13 4.35
C LEU A 60 -4.94 -2.76 4.24
N VAL A 61 -5.34 -1.71 4.94
CA VAL A 61 -6.72 -1.24 4.89
C VAL A 61 -6.68 0.25 4.61
N TYR A 62 -7.39 0.66 3.56
CA TYR A 62 -7.45 2.07 3.18
C TYR A 62 -8.73 2.34 2.40
N PRO A 63 -9.55 3.31 2.86
CA PRO A 63 -9.39 4.17 4.03
C PRO A 63 -9.79 3.44 5.32
N LEU A 64 -9.03 3.61 6.37
CA LEU A 64 -9.30 3.00 7.65
C LEU A 64 -10.52 3.63 8.27
N GLU A 65 -11.20 2.87 9.12
CA GLU A 65 -12.36 3.34 9.86
C GLU A 65 -11.95 4.40 10.85
N HIS A 66 -12.74 5.46 10.93
CA HIS A 66 -12.40 6.59 11.76
C HIS A 66 -12.06 6.20 13.19
N HIS A 67 -12.86 5.31 13.75
CA HIS A 67 -12.64 4.89 15.12
C HIS A 67 -11.35 4.10 15.35
N HIS A 68 -10.69 3.67 14.27
CA HIS A 68 -9.44 2.95 14.44
C HIS A 68 -8.20 3.82 14.27
N HIS A 69 -8.42 5.12 14.02
CA HIS A 69 -7.30 6.06 13.91
C HIS A 69 -6.66 6.16 15.29
N HIS A 70 -5.42 6.66 15.36
CA HIS A 70 -4.79 6.90 16.65
C HIS A 70 -5.22 8.34 16.90
N HIS A 71 -6.14 8.52 17.84
CA HIS A 71 -6.69 9.84 18.12
C HIS A 71 -5.89 10.69 19.08
N ASN B 3 -4.08 14.70 -7.99
CA ASN B 3 -3.97 13.81 -6.80
C ASN B 3 -3.43 12.41 -7.12
N ARG B 4 -2.66 12.31 -8.21
CA ARG B 4 -2.11 11.02 -8.62
C ARG B 4 -1.04 10.52 -7.64
N GLN B 5 -1.13 9.24 -7.30
CA GLN B 5 -0.17 8.63 -6.37
C GLN B 5 0.59 7.50 -7.04
N PHE B 6 1.80 7.24 -6.54
CA PHE B 6 2.61 6.14 -7.05
C PHE B 6 2.80 5.19 -5.90
N LEU B 7 2.54 3.91 -6.14
CA LEU B 7 2.69 2.89 -5.12
C LEU B 7 3.60 1.79 -5.66
N SER B 8 4.59 1.43 -4.86
CA SER B 8 5.52 0.39 -5.27
C SER B 8 5.52 -0.68 -4.19
N LEU B 9 5.52 -1.95 -4.59
CA LEU B 9 5.47 -3.06 -3.64
C LEU B 9 6.28 -4.25 -4.14
N THR B 10 6.91 -4.97 -3.22
CA THR B 10 7.65 -6.17 -3.58
C THR B 10 6.90 -7.37 -3.01
N GLY B 11 7.39 -8.57 -3.29
CA GLY B 11 6.72 -9.76 -2.79
C GLY B 11 5.50 -10.11 -3.62
N VAL B 12 5.37 -9.49 -4.80
CA VAL B 12 4.24 -9.75 -5.68
C VAL B 12 4.54 -10.92 -6.60
N SER B 13 3.69 -11.94 -6.60
CA SER B 13 3.92 -13.11 -7.45
C SER B 13 3.17 -13.08 -8.77
N LYS B 14 2.11 -12.30 -8.87
CA LYS B 14 1.32 -12.26 -10.10
C LYS B 14 0.35 -11.09 -10.19
N VAL B 15 0.10 -10.60 -11.40
CA VAL B 15 -0.91 -9.57 -11.58
C VAL B 15 -2.08 -10.41 -12.04
N GLN B 16 -3.13 -10.42 -11.23
CA GLN B 16 -4.32 -11.20 -11.51
C GLN B 16 -5.21 -10.53 -12.55
N SER B 17 -5.28 -9.20 -12.50
CA SER B 17 -6.05 -8.46 -13.47
C SER B 17 -5.83 -6.97 -13.31
N PHE B 18 -5.97 -6.25 -14.42
CA PHE B 18 -5.77 -4.82 -14.42
C PHE B 18 -6.60 -4.10 -15.46
N ASP B 19 -7.16 -2.96 -15.04
CA ASP B 19 -7.88 -2.04 -15.90
C ASP B 19 -7.78 -0.74 -15.10
N PRO B 20 -8.06 0.42 -15.72
CA PRO B 20 -7.95 1.68 -15.00
C PRO B 20 -8.72 1.86 -13.69
N LYS B 21 -9.68 0.99 -13.40
CA LYS B 21 -10.47 1.11 -12.18
C LYS B 21 -10.07 0.18 -11.05
N GLU B 22 -9.38 -0.90 -11.38
CA GLU B 22 -8.95 -1.85 -10.36
C GLU B 22 -7.76 -2.71 -10.78
N ILE B 23 -6.84 -2.90 -9.85
CA ILE B 23 -5.69 -3.76 -10.08
C ILE B 23 -5.72 -4.83 -8.99
N LEU B 24 -5.64 -6.10 -9.41
CA LEU B 24 -5.62 -7.19 -8.44
C LEU B 24 -4.25 -7.83 -8.51
N LEU B 25 -3.56 -7.88 -7.36
CA LEU B 25 -2.23 -8.44 -7.29
C LEU B 25 -2.18 -9.59 -6.33
N GLU B 26 -1.50 -10.66 -6.73
CA GLU B 26 -1.34 -11.81 -5.86
C GLU B 26 -0.04 -11.66 -5.11
N THR B 27 -0.09 -11.85 -3.79
CA THR B 27 1.14 -11.75 -3.03
C THR B 27 1.18 -12.78 -1.89
N ILE B 28 2.00 -12.55 -0.87
CA ILE B 28 2.18 -13.52 0.23
C ILE B 28 0.97 -14.08 0.98
N GLN B 29 0.09 -13.21 1.48
CA GLN B 29 -1.08 -13.65 2.26
C GLN B 29 -2.36 -13.73 1.42
N GLY B 30 -2.26 -13.50 0.12
CA GLY B 30 -3.44 -13.53 -0.72
C GLY B 30 -3.45 -12.42 -1.76
N VAL B 31 -4.64 -11.89 -2.04
CA VAL B 31 -4.81 -10.87 -3.05
C VAL B 31 -4.94 -9.42 -2.53
N LEU B 32 -4.22 -8.50 -3.17
CA LEU B 32 -4.30 -7.08 -2.83
C LEU B 32 -5.13 -6.40 -3.90
N SER B 33 -6.17 -5.68 -3.50
CA SER B 33 -7.00 -4.96 -4.44
C SER B 33 -6.75 -3.47 -4.34
N ILE B 34 -6.46 -2.84 -5.47
CA ILE B 34 -6.27 -1.42 -5.54
C ILE B 34 -7.39 -0.93 -6.44
N LYS B 35 -8.27 -0.09 -5.90
CA LYS B 35 -9.38 0.44 -6.68
C LYS B 35 -9.27 1.95 -6.79
N GLY B 36 -9.72 2.49 -7.91
CA GLY B 36 -9.66 3.92 -8.13
C GLY B 36 -9.98 4.25 -9.57
N GLU B 37 -9.32 5.26 -10.12
CA GLU B 37 -9.54 5.63 -11.50
C GLU B 37 -8.21 6.04 -12.12
N LYS B 38 -8.11 5.96 -13.44
CA LYS B 38 -6.88 6.28 -14.17
C LYS B 38 -5.68 5.49 -13.66
N LEU B 39 -5.92 4.27 -13.15
CA LEU B 39 -4.81 3.46 -12.67
C LEU B 39 -4.01 2.92 -13.85
N GLY B 40 -2.72 2.67 -13.63
CA GLY B 40 -1.88 2.12 -14.68
C GLY B 40 -0.70 1.36 -14.08
N ILE B 41 -0.22 0.33 -14.78
CA ILE B 41 0.93 -0.41 -14.27
C ILE B 41 2.14 0.27 -14.87
N LYS B 42 2.98 0.82 -13.99
CA LYS B 42 4.18 1.53 -14.41
C LYS B 42 5.38 0.63 -14.56
N HIS B 43 5.42 -0.45 -13.80
CA HIS B 43 6.56 -1.36 -13.84
C HIS B 43 6.19 -2.72 -13.27
N LEU B 44 6.79 -3.77 -13.82
CA LEU B 44 6.55 -5.10 -13.30
C LEU B 44 7.76 -5.98 -13.57
N ASP B 45 8.26 -6.60 -12.51
CA ASP B 45 9.42 -7.49 -12.62
C ASP B 45 9.15 -8.65 -11.69
N LEU B 46 8.50 -9.68 -12.21
CA LEU B 46 8.17 -10.86 -11.42
C LEU B 46 9.37 -11.60 -10.84
N LYS B 47 10.51 -11.50 -11.52
CA LYS B 47 11.73 -12.14 -11.03
C LYS B 47 12.06 -11.52 -9.67
N ALA B 48 11.91 -10.21 -9.59
CA ALA B 48 12.20 -9.48 -8.37
C ALA B 48 10.94 -9.35 -7.49
N GLY B 49 9.79 -9.75 -8.04
CA GLY B 49 8.53 -9.67 -7.32
C GLY B 49 8.12 -8.23 -7.07
N GLN B 50 8.53 -7.35 -7.98
CA GLN B 50 8.31 -5.91 -7.90
C GLN B 50 7.22 -5.38 -8.82
N VAL B 51 6.35 -4.54 -8.30
CA VAL B 51 5.34 -3.90 -9.13
C VAL B 51 5.24 -2.43 -8.76
N GLU B 52 4.98 -1.59 -9.75
CA GLU B 52 4.81 -0.17 -9.52
C GLU B 52 3.53 0.24 -10.21
N VAL B 53 2.66 0.88 -9.45
CA VAL B 53 1.36 1.33 -9.93
C VAL B 53 1.20 2.83 -9.73
N GLU B 54 0.42 3.46 -10.60
CA GLU B 54 0.18 4.90 -10.49
C GLU B 54 -1.30 5.21 -10.78
N GLY B 55 -1.80 6.32 -10.24
CA GLY B 55 -3.18 6.70 -10.50
C GLY B 55 -3.90 7.33 -9.32
N LEU B 56 -5.22 7.44 -9.44
CA LEU B 56 -6.08 8.01 -8.41
C LEU B 56 -6.61 6.85 -7.59
N ILE B 57 -6.03 6.65 -6.40
CA ILE B 57 -6.41 5.53 -5.54
C ILE B 57 -7.54 5.85 -4.57
N ASP B 58 -8.62 5.06 -4.64
CA ASP B 58 -9.78 5.23 -3.75
C ASP B 58 -9.71 4.29 -2.56
N ALA B 59 -9.20 3.08 -2.80
CA ALA B 59 -9.14 2.07 -1.77
C ALA B 59 -8.03 1.04 -1.98
N LEU B 60 -7.59 0.46 -0.87
CA LEU B 60 -6.56 -0.56 -0.88
C LEU B 60 -7.02 -1.61 0.13
N VAL B 61 -7.19 -2.85 -0.33
CA VAL B 61 -7.63 -3.91 0.56
C VAL B 61 -6.73 -5.14 0.42
N TYR B 62 -6.28 -5.67 1.54
CA TYR B 62 -5.40 -6.84 1.55
C TYR B 62 -5.34 -7.50 2.95
N PRO B 63 -5.57 -8.83 3.03
CA PRO B 63 -5.87 -9.78 1.94
C PRO B 63 -7.35 -9.62 1.62
N LEU B 64 -7.66 -9.57 0.32
CA LEU B 64 -9.03 -9.37 -0.13
C LEU B 64 -10.03 -10.41 0.42
N GLU B 65 -9.57 -11.62 0.72
CA GLU B 65 -10.52 -12.63 1.19
C GLU B 65 -11.10 -12.37 2.58
N HIS B 66 -10.49 -11.47 3.35
CA HIS B 66 -11.01 -11.18 4.68
C HIS B 66 -11.93 -9.95 4.71
N HIS B 67 -12.18 -9.37 3.55
CA HIS B 67 -13.07 -8.21 3.44
C HIS B 67 -14.33 -8.62 2.69
#